data_5YTQ
#
_entry.id   5YTQ
#
_cell.length_a   50.224
_cell.length_b   50.224
_cell.length_c   174.648
_cell.angle_alpha   90.00
_cell.angle_beta   90.00
_cell.angle_gamma   120.00
#
_symmetry.space_group_name_H-M   'P 31 1 2'
#
loop_
_entity.id
_entity.type
_entity.pdbx_description
1 polymer TTHA0139
2 non-polymer 'LANTHANUM (III) ION'
3 water water
#
_entity_poly.entity_id   1
_entity_poly.type   'polypeptide(L)'
_entity_poly.pdbx_seq_one_letter_code
;MAKKEKKRLQVVISEEQDALLTRAAYALSSPERAVSKSEVVRLAIEKIARELEEGKAKEELEALLKHLKAEEGEEEA
;
_entity_poly.pdbx_strand_id   A,B,C
#
loop_
_chem_comp.id
_chem_comp.type
_chem_comp.name
_chem_comp.formula
LA non-polymer 'LANTHANUM (III) ION' 'La 3'
#
# COMPACT_ATOMS: atom_id res chain seq x y z
N LYS A 4 15.71 -21.91 -6.94
CA LYS A 4 14.26 -21.85 -6.73
C LYS A 4 13.86 -22.54 -5.42
N GLU A 5 14.55 -22.22 -4.33
CA GLU A 5 14.32 -22.86 -3.06
C GLU A 5 13.15 -22.22 -2.30
N LYS A 6 12.78 -22.83 -1.18
CA LYS A 6 11.80 -22.30 -0.25
C LYS A 6 12.35 -22.41 1.16
N LYS A 7 11.54 -22.02 2.14
CA LYS A 7 12.00 -22.04 3.53
C LYS A 7 10.80 -22.06 4.47
N ARG A 8 10.71 -23.08 5.30
CA ARG A 8 9.72 -23.11 6.37
C ARG A 8 10.13 -22.13 7.46
N LEU A 9 9.26 -21.18 7.79
CA LEU A 9 9.56 -20.14 8.75
C LEU A 9 8.61 -20.27 9.94
N GLN A 10 9.19 -20.37 11.15
CA GLN A 10 8.45 -20.48 12.38
C GLN A 10 8.76 -19.27 13.25
N VAL A 11 7.74 -18.47 13.56
CA VAL A 11 7.91 -17.26 14.35
C VAL A 11 6.77 -17.19 15.36
N VAL A 12 7.10 -16.94 16.62
CA VAL A 12 6.11 -16.75 17.66
C VAL A 12 5.75 -15.28 17.76
N ILE A 13 4.45 -14.99 17.66
CA ILE A 13 3.94 -13.61 17.69
C ILE A 13 2.88 -13.52 18.78
N SER A 14 2.64 -12.29 19.23
CA SER A 14 1.60 -12.05 20.22
C SER A 14 0.23 -12.12 19.57
N GLU A 15 -0.80 -12.23 20.41
CA GLU A 15 -2.17 -12.31 19.88
C GLU A 15 -2.59 -10.98 19.25
N GLU A 16 -2.06 -9.87 19.73
CA GLU A 16 -2.35 -8.57 19.13
C GLU A 16 -1.85 -8.51 17.68
N GLN A 17 -0.63 -9.00 17.44
CA GLN A 17 -0.12 -9.00 16.07
C GLN A 17 -0.82 -10.04 15.20
N ASP A 18 -1.29 -11.13 15.78
CA ASP A 18 -2.09 -12.09 15.00
C ASP A 18 -3.41 -11.46 14.59
N ALA A 19 -4.05 -10.72 15.49
CA ALA A 19 -5.29 -10.02 15.13
C ALA A 19 -5.02 -8.95 14.07
N LEU A 20 -3.91 -8.22 14.22
CA LEU A 20 -3.51 -7.26 13.19
C LEU A 20 -3.27 -7.95 11.85
N LEU A 21 -2.72 -9.16 11.90
CA LEU A 21 -2.51 -9.93 10.67
C LEU A 21 -3.83 -10.28 10.01
N THR A 22 -4.82 -10.69 10.82
CA THR A 22 -6.14 -10.99 10.27
C THR A 22 -6.77 -9.75 9.64
N ARG A 23 -6.77 -8.63 10.38
CA ARG A 23 -7.35 -7.40 9.87
C ARG A 23 -6.68 -6.95 8.58
N ALA A 24 -5.35 -7.07 8.52
CA ALA A 24 -4.64 -6.70 7.29
C ALA A 24 -5.00 -7.65 6.16
N ALA A 25 -5.11 -8.94 6.46
CA ALA A 25 -5.49 -9.92 5.43
C ALA A 25 -6.84 -9.59 4.83
N TYR A 26 -7.84 -9.29 5.66
CA TYR A 26 -9.15 -8.95 5.13
C TYR A 26 -9.12 -7.62 4.39
N ALA A 27 -8.41 -6.63 4.94
CA ALA A 27 -8.36 -5.31 4.32
C ALA A 27 -7.75 -5.37 2.93
N LEU A 28 -6.71 -6.19 2.75
CA LEU A 28 -6.08 -6.30 1.44
C LEU A 28 -6.84 -7.23 0.51
N SER A 29 -7.72 -8.07 1.04
CA SER A 29 -8.43 -9.02 0.22
C SER A 29 -9.63 -8.36 -0.48
N SER A 30 -10.18 -9.08 -1.45
CA SER A 30 -11.34 -8.65 -2.22
C SER A 30 -12.05 -9.90 -2.73
N PRO A 31 -13.30 -9.78 -3.16
CA PRO A 31 -13.98 -10.94 -3.76
C PRO A 31 -13.22 -11.54 -4.94
N GLU A 32 -12.37 -10.76 -5.59
CA GLU A 32 -11.66 -11.23 -6.77
C GLU A 32 -10.25 -11.73 -6.47
N ARG A 33 -9.68 -11.38 -5.31
CA ARG A 33 -8.34 -11.81 -4.94
C ARG A 33 -8.27 -12.07 -3.45
N ALA A 34 -7.84 -13.28 -3.08
CA ALA A 34 -7.71 -13.66 -1.67
C ALA A 34 -6.29 -13.42 -1.20
N VAL A 35 -6.17 -12.83 -0.01
CA VAL A 35 -4.87 -12.53 0.60
C VAL A 35 -4.85 -13.20 1.97
N SER A 36 -4.01 -14.23 2.10
CA SER A 36 -3.89 -14.94 3.35
C SER A 36 -2.96 -14.20 4.30
N LYS A 37 -2.96 -14.65 5.56
CA LYS A 37 -2.09 -14.04 6.57
C LYS A 37 -0.62 -14.25 6.22
N SER A 38 -0.27 -15.42 5.70
CA SER A 38 1.10 -15.67 5.28
C SER A 38 1.51 -14.74 4.15
N GLU A 39 0.62 -14.52 3.18
CA GLU A 39 0.91 -13.58 2.10
C GLU A 39 1.10 -12.17 2.64
N VAL A 40 0.36 -11.80 3.69
CA VAL A 40 0.58 -10.53 4.34
C VAL A 40 1.96 -10.50 5.00
N VAL A 41 2.41 -11.66 5.51
CA VAL A 41 3.74 -11.72 6.12
C VAL A 41 4.82 -11.50 5.06
N ARG A 42 4.70 -12.16 3.91
CA ARG A 42 5.66 -11.97 2.83
C ARG A 42 5.66 -10.52 2.35
N LEU A 43 4.47 -9.96 2.13
CA LEU A 43 4.37 -8.57 1.70
C LEU A 43 5.00 -7.63 2.72
N ALA A 44 4.84 -7.94 4.01
CA ALA A 44 5.46 -7.13 5.06
C ALA A 44 6.98 -7.24 5.02
N ILE A 45 7.50 -8.45 4.79
CA ILE A 45 8.95 -8.65 4.70
C ILE A 45 9.53 -7.84 3.56
N GLU A 46 8.98 -8.01 2.35
CA GLU A 46 9.50 -7.28 1.20
C GLU A 46 9.31 -5.78 1.38
N LYS A 47 8.21 -5.38 2.01
CA LYS A 47 7.93 -3.96 2.21
C LYS A 47 8.96 -3.33 3.13
N ILE A 48 9.23 -3.97 4.28
CA ILE A 48 10.18 -3.39 5.22
C ILE A 48 11.60 -3.47 4.68
N ALA A 49 11.94 -4.52 3.91
CA ALA A 49 13.26 -4.57 3.30
C ALA A 49 13.44 -3.45 2.30
N ARG A 50 12.41 -3.19 1.49
CA ARG A 50 12.46 -2.05 0.57
C ARG A 50 12.58 -0.74 1.33
N GLU A 51 11.86 -0.61 2.45
CA GLU A 51 11.94 0.61 3.24
C GLU A 51 13.34 0.81 3.81
N LEU A 52 14.02 -0.28 4.18
CA LEU A 52 15.40 -0.14 4.65
C LEU A 52 16.35 0.19 3.50
N GLU A 53 16.04 -0.26 2.29
CA GLU A 53 16.84 0.13 1.14
C GLU A 53 16.65 1.62 0.82
N GLU A 54 15.43 2.13 0.99
CA GLU A 54 15.18 3.54 0.70
C GLU A 54 15.95 4.45 1.64
N GLY A 55 16.13 4.01 2.89
CA GLY A 55 16.90 4.75 3.86
C GLY A 55 16.21 5.95 4.46
N LYS A 56 14.87 5.98 4.46
CA LYS A 56 14.13 7.10 5.01
C LYS A 56 13.68 6.85 6.44
N ALA A 57 13.04 5.71 6.69
CA ALA A 57 12.42 5.39 7.98
C ALA A 57 13.30 4.48 8.84
N LYS A 58 14.61 4.65 8.82
CA LYS A 58 15.46 3.79 9.65
C LYS A 58 15.32 4.14 11.13
N GLU A 59 15.22 5.43 11.45
CA GLU A 59 15.06 5.85 12.84
C GLU A 59 13.76 5.28 13.43
N GLU A 60 12.65 5.42 12.69
CA GLU A 60 11.37 4.92 13.19
C GLU A 60 11.39 3.41 13.37
N LEU A 61 11.96 2.68 12.41
CA LEU A 61 12.03 1.24 12.53
C LEU A 61 12.92 0.81 13.70
N GLU A 62 13.98 1.59 13.97
CA GLU A 62 14.81 1.28 15.13
C GLU A 62 14.07 1.57 16.44
N ALA A 63 13.22 2.60 16.46
CA ALA A 63 12.44 2.88 17.66
C ALA A 63 11.42 1.78 17.93
N LEU A 64 10.61 1.44 16.93
CA LEU A 64 9.65 0.36 17.08
C LEU A 64 10.35 -0.95 17.42
N LEU A 65 11.56 -1.14 16.91
CA LEU A 65 12.33 -2.34 17.21
C LEU A 65 12.77 -2.35 18.67
N LYS A 66 13.25 -1.21 19.18
CA LYS A 66 13.62 -1.12 20.58
C LYS A 66 12.41 -1.42 21.48
N HIS A 67 11.27 -0.80 21.20
CA HIS A 67 10.10 -1.05 22.02
C HIS A 67 9.62 -2.50 21.90
N LEU A 68 9.83 -3.12 20.73
CA LEU A 68 9.43 -4.51 20.58
C LEU A 68 10.34 -5.44 21.38
N LYS A 69 11.65 -5.16 21.37
CA LYS A 69 12.57 -5.94 22.18
C LYS A 69 12.34 -5.71 23.67
N ALA A 70 11.77 -4.56 24.03
CA ALA A 70 11.38 -4.33 25.43
C ALA A 70 10.17 -5.16 25.85
N GLU A 71 9.42 -5.72 24.90
CA GLU A 71 8.23 -6.49 25.23
C GLU A 71 8.47 -7.99 25.25
N GLU A 72 9.62 -8.47 24.75
CA GLU A 72 9.85 -9.90 24.68
C GLU A 72 10.05 -10.50 26.07
N GLY A 73 10.51 -9.69 27.03
CA GLY A 73 10.90 -10.20 28.34
C GLY A 73 9.68 -10.31 29.24
N GLU A 74 9.09 -11.51 29.28
CA GLU A 74 8.04 -11.87 30.25
C GLU A 74 6.85 -10.91 30.19
N GLU A 75 6.34 -10.69 28.99
CA GLU A 75 5.16 -9.85 28.76
C GLU A 75 5.34 -8.45 29.35
N LYS B 4 -3.49 -18.05 23.78
CA LYS B 4 -4.16 -16.88 24.32
C LYS B 4 -3.20 -15.68 24.35
N GLU B 5 -1.91 -15.96 24.50
CA GLU B 5 -0.89 -14.91 24.58
C GLU B 5 0.21 -15.03 23.54
N LYS B 6 0.41 -16.20 22.94
CA LYS B 6 1.41 -16.36 21.89
C LYS B 6 0.86 -17.28 20.81
N LYS B 7 1.26 -17.04 19.58
CA LYS B 7 0.76 -17.78 18.42
C LYS B 7 1.92 -18.20 17.54
N ARG B 8 2.01 -19.50 17.26
CA ARG B 8 3.07 -20.04 16.41
C ARG B 8 2.69 -19.81 14.95
N LEU B 9 3.45 -18.97 14.27
CA LEU B 9 3.16 -18.59 12.89
C LEU B 9 4.02 -19.43 11.94
N GLN B 10 3.36 -20.09 10.99
CA GLN B 10 4.02 -20.92 9.99
C GLN B 10 3.80 -20.28 8.62
N VAL B 11 4.88 -19.82 8.00
CA VAL B 11 4.83 -19.14 6.72
C VAL B 11 5.94 -19.68 5.82
N VAL B 12 5.58 -20.10 4.61
CA VAL B 12 6.54 -20.53 3.60
C VAL B 12 6.99 -19.30 2.83
N ILE B 13 8.31 -19.12 2.73
CA ILE B 13 8.89 -17.97 2.06
C ILE B 13 9.88 -18.44 1.00
N SER B 14 10.21 -17.53 0.09
CA SER B 14 11.17 -17.82 -0.96
C SER B 14 12.59 -17.56 -0.45
N GLU B 15 13.58 -18.00 -1.25
CA GLU B 15 14.97 -17.75 -0.87
C GLU B 15 15.33 -16.29 -1.09
N GLU B 16 14.64 -15.60 -2.01
CA GLU B 16 14.86 -14.16 -2.16
C GLU B 16 14.29 -13.40 -0.96
N GLN B 17 13.15 -13.85 -0.44
CA GLN B 17 12.59 -13.24 0.76
C GLN B 17 13.42 -13.60 1.99
N ASP B 18 14.06 -14.78 1.98
CA ASP B 18 14.99 -15.11 3.05
C ASP B 18 16.22 -14.21 2.99
N ALA B 19 16.72 -13.95 1.78
CA ALA B 19 17.86 -13.04 1.63
C ALA B 19 17.48 -11.62 2.05
N LEU B 20 16.29 -11.16 1.68
CA LEU B 20 15.82 -9.86 2.15
C LEU B 20 15.68 -9.84 3.67
N LEU B 21 15.29 -10.98 4.25
CA LEU B 21 15.21 -11.06 5.71
C LEU B 21 16.59 -10.92 6.34
N THR B 22 17.61 -11.54 5.73
CA THR B 22 18.97 -11.42 6.25
C THR B 22 19.50 -10.00 6.11
N ARG B 23 19.31 -9.39 4.92
CA ARG B 23 19.77 -8.02 4.70
C ARG B 23 19.09 -7.06 5.66
N ALA B 24 17.78 -7.21 5.86
CA ALA B 24 17.07 -6.36 6.81
C ALA B 24 17.59 -6.58 8.22
N ALA B 25 17.81 -7.83 8.61
CA ALA B 25 18.29 -8.13 9.95
C ALA B 25 19.65 -7.49 10.21
N TYR B 26 20.56 -7.55 9.23
CA TYR B 26 21.87 -6.94 9.42
C TYR B 26 21.77 -5.42 9.41
N ALA B 27 20.96 -4.86 8.50
CA ALA B 27 20.83 -3.41 8.41
C ALA B 27 20.26 -2.83 9.71
N LEU B 28 19.34 -3.55 10.35
CA LEU B 28 18.77 -3.08 11.60
C LEU B 28 19.69 -3.30 12.80
N SER B 29 20.72 -4.14 12.65
CA SER B 29 21.56 -4.47 13.79
C SER B 29 22.66 -3.42 13.98
N SER B 30 23.37 -3.55 15.09
CA SER B 30 24.46 -2.65 15.44
C SER B 30 25.34 -3.36 16.45
N PRO B 31 26.53 -2.83 16.74
CA PRO B 31 27.38 -3.45 17.78
C PRO B 31 26.71 -3.55 19.14
N GLU B 32 25.68 -2.76 19.41
CA GLU B 32 25.04 -2.75 20.72
C GLU B 32 23.70 -3.46 20.77
N ARG B 33 23.14 -3.85 19.62
CA ARG B 33 21.85 -4.54 19.60
C ARG B 33 21.85 -5.56 18.47
N ALA B 34 21.48 -6.80 18.81
CA ALA B 34 21.38 -7.89 17.86
C ALA B 34 19.93 -8.08 17.45
N VAL B 35 19.69 -8.27 16.15
CA VAL B 35 18.36 -8.39 15.59
C VAL B 35 18.26 -9.72 14.88
N SER B 36 17.33 -10.57 15.33
CA SER B 36 17.11 -11.86 14.70
C SER B 36 16.06 -11.75 13.60
N LYS B 37 15.97 -12.80 12.78
CA LYS B 37 15.00 -12.81 11.70
C LYS B 37 13.57 -12.72 12.22
N SER B 38 13.28 -13.43 13.33
CA SER B 38 11.94 -13.39 13.90
C SER B 38 11.57 -11.97 14.32
N GLU B 39 12.52 -11.25 14.92
CA GLU B 39 12.27 -9.86 15.28
C GLU B 39 12.03 -9.00 14.05
N VAL B 40 12.71 -9.30 12.93
CA VAL B 40 12.45 -8.58 11.70
C VAL B 40 11.03 -8.86 11.21
N VAL B 41 10.56 -10.09 11.37
CA VAL B 41 9.20 -10.43 10.95
C VAL B 41 8.18 -9.68 11.80
N ARG B 42 8.34 -9.73 13.13
CA ARG B 42 7.41 -9.02 14.01
C ARG B 42 7.42 -7.52 13.74
N LEU B 43 8.61 -6.95 13.52
CA LEU B 43 8.70 -5.53 13.20
C LEU B 43 8.02 -5.22 11.87
N ALA B 44 8.12 -6.11 10.89
CA ALA B 44 7.44 -5.89 9.62
C ALA B 44 5.93 -5.93 9.78
N ILE B 45 5.42 -6.86 10.59
CA ILE B 45 4.00 -6.92 10.88
C ILE B 45 3.53 -5.62 11.55
N GLU B 46 4.30 -5.16 12.55
CA GLU B 46 3.92 -3.94 13.25
C GLU B 46 3.94 -2.74 12.32
N LYS B 47 4.97 -2.63 11.48
CA LYS B 47 5.08 -1.50 10.56
C LYS B 47 3.94 -1.49 9.55
N ILE B 48 3.61 -2.66 9.00
CA ILE B 48 2.49 -2.75 8.05
C ILE B 48 1.19 -2.39 8.74
N ALA B 49 1.02 -2.83 9.99
CA ALA B 49 -0.20 -2.49 10.73
C ALA B 49 -0.31 -0.98 10.94
N ARG B 50 0.80 -0.32 11.27
CA ARG B 50 0.77 1.13 11.44
C ARG B 50 0.47 1.84 10.12
N GLU B 51 1.09 1.38 9.02
CA GLU B 51 0.83 2.01 7.74
C GLU B 51 -0.61 1.82 7.29
N LEU B 52 -1.22 0.68 7.62
CA LEU B 52 -2.62 0.50 7.31
C LEU B 52 -3.51 1.32 8.24
N GLU B 53 -3.04 1.59 9.47
CA GLU B 53 -3.74 2.56 10.31
C GLU B 53 -3.68 3.96 9.71
N GLU B 54 -2.59 4.29 9.02
CA GLU B 54 -2.44 5.60 8.40
C GLU B 54 -2.78 5.59 6.92
N GLY B 55 -2.92 4.42 6.30
CA GLY B 55 -3.30 4.33 4.91
C GLY B 55 -2.23 4.85 3.96
N LYS B 56 -1.00 4.38 4.14
CA LYS B 56 0.14 4.82 3.35
C LYS B 56 0.63 3.71 2.44
N ALA B 57 1.26 4.12 1.34
CA ALA B 57 1.91 3.22 0.38
C ALA B 57 0.97 2.13 -0.15
N LYS B 58 -0.32 2.46 -0.32
CA LYS B 58 -1.25 1.47 -0.83
C LYS B 58 -0.97 1.13 -2.29
N GLU B 59 -0.55 2.13 -3.07
CA GLU B 59 -0.10 1.87 -4.44
C GLU B 59 1.09 0.92 -4.46
N GLU B 60 1.97 1.03 -3.46
CA GLU B 60 3.13 0.15 -3.37
C GLU B 60 2.77 -1.20 -2.74
N LEU B 61 1.84 -1.20 -1.78
CA LEU B 61 1.37 -2.46 -1.20
C LEU B 61 0.72 -3.35 -2.27
N GLU B 62 -0.23 -2.78 -3.02
CA GLU B 62 -0.87 -3.54 -4.08
C GLU B 62 0.06 -3.76 -5.27
N ALA B 63 1.00 -2.83 -5.50
CA ALA B 63 1.97 -3.01 -6.57
C ALA B 63 2.85 -4.22 -6.30
N LEU B 64 3.29 -4.39 -5.05
CA LEU B 64 4.10 -5.55 -4.70
C LEU B 64 3.26 -6.80 -4.54
N LEU B 65 1.99 -6.66 -4.14
CA LEU B 65 1.11 -7.80 -4.04
C LEU B 65 0.75 -8.34 -5.42
N LYS B 66 0.46 -7.45 -6.37
CA LYS B 66 0.24 -7.87 -7.74
C LYS B 66 1.52 -8.31 -8.43
N HIS B 67 2.67 -7.99 -7.85
CA HIS B 67 3.97 -8.38 -8.40
C HIS B 67 4.28 -9.85 -8.20
N LEU B 68 3.37 -10.62 -7.61
CA LEU B 68 3.60 -12.05 -7.37
C LEU B 68 3.64 -12.81 -8.70
N LYS C 6 -4.87 21.32 -33.13
CA LYS C 6 -3.43 21.42 -33.37
C LYS C 6 -2.73 22.10 -32.20
N LYS C 7 -2.79 21.47 -31.02
CA LYS C 7 -2.20 22.04 -29.81
C LYS C 7 -1.98 20.92 -28.80
N ARG C 8 -0.72 20.71 -28.42
CA ARG C 8 -0.39 19.70 -27.42
C ARG C 8 -0.67 20.26 -26.02
N LEU C 9 -1.52 19.57 -25.27
CA LEU C 9 -1.95 20.01 -23.95
C LEU C 9 -1.32 19.13 -22.87
N GLN C 10 -0.67 19.77 -21.90
CA GLN C 10 0.00 19.07 -20.81
C GLN C 10 -0.71 19.43 -19.51
N VAL C 11 -1.29 18.43 -18.85
CA VAL C 11 -2.01 18.62 -17.59
C VAL C 11 -1.66 17.48 -16.65
N VAL C 12 -1.31 17.82 -15.41
CA VAL C 12 -1.06 16.83 -14.36
C VAL C 12 -2.35 16.57 -13.61
N ILE C 13 -2.73 15.30 -13.50
CA ILE C 13 -3.97 14.92 -12.83
C ILE C 13 -3.68 13.91 -11.72
N SER C 14 -4.57 13.87 -10.75
CA SER C 14 -4.48 12.91 -9.66
C SER C 14 -4.98 11.54 -10.09
N GLU C 15 -4.66 10.53 -9.30
CA GLU C 15 -5.11 9.18 -9.62
C GLU C 15 -6.61 9.03 -9.44
N GLU C 16 -7.22 9.78 -8.51
CA GLU C 16 -8.67 9.79 -8.43
C GLU C 16 -9.27 10.37 -9.69
N GLN C 17 -8.67 11.44 -10.21
CA GLN C 17 -9.16 12.08 -11.43
C GLN C 17 -8.88 11.21 -12.64
N ASP C 18 -7.78 10.44 -12.62
CA ASP C 18 -7.50 9.47 -13.67
C ASP C 18 -8.53 8.35 -13.66
N ALA C 19 -8.91 7.88 -12.46
CA ALA C 19 -9.94 6.86 -12.37
C ALA C 19 -11.29 7.38 -12.85
N LEU C 20 -11.63 8.62 -12.49
CA LEU C 20 -12.85 9.23 -13.02
C LEU C 20 -12.79 9.34 -14.54
N LEU C 21 -11.60 9.64 -15.07
CA LEU C 21 -11.44 9.72 -16.52
C LEU C 21 -11.65 8.36 -17.17
N THR C 22 -11.11 7.30 -16.56
CA THR C 22 -11.32 5.95 -17.09
C THR C 22 -12.79 5.57 -17.06
N ARG C 23 -13.45 5.75 -15.90
CA ARG C 23 -14.85 5.40 -15.77
C ARG C 23 -15.70 6.18 -16.78
N ALA C 24 -15.39 7.46 -16.97
CA ALA C 24 -16.12 8.25 -17.95
C ALA C 24 -15.88 7.73 -19.36
N ALA C 25 -14.64 7.35 -19.66
CA ALA C 25 -14.32 6.81 -20.98
C ALA C 25 -15.13 5.56 -21.28
N TYR C 26 -15.18 4.62 -20.32
CA TYR C 26 -15.94 3.40 -20.56
C TYR C 26 -17.44 3.68 -20.60
N ALA C 27 -17.93 4.54 -19.71
CA ALA C 27 -19.36 4.84 -19.68
C ALA C 27 -19.82 5.48 -20.98
N LEU C 28 -19.00 6.35 -21.55
CA LEU C 28 -19.36 7.01 -22.81
C LEU C 28 -19.15 6.13 -24.02
N SER C 29 -18.36 5.07 -23.90
CA SER C 29 -18.06 4.21 -25.03
C SER C 29 -19.19 3.21 -25.27
N SER C 30 -19.14 2.57 -26.43
CA SER C 30 -20.11 1.56 -26.82
C SER C 30 -19.43 0.61 -27.79
N PRO C 31 -20.00 -0.58 -28.02
CA PRO C 31 -19.39 -1.49 -29.00
C PRO C 31 -19.22 -0.88 -30.39
N GLU C 32 -20.06 0.09 -30.76
CA GLU C 32 -19.97 0.70 -32.09
C GLU C 32 -19.26 2.05 -32.10
N ARG C 33 -19.07 2.68 -30.96
CA ARG C 33 -18.40 3.98 -30.91
C ARG C 33 -17.47 4.01 -29.71
N ALA C 34 -16.18 4.23 -29.96
CA ALA C 34 -15.15 4.28 -28.93
C ALA C 34 -14.89 5.72 -28.52
N VAL C 35 -14.79 5.94 -27.22
CA VAL C 35 -14.50 7.26 -26.66
C VAL C 35 -13.25 7.12 -25.81
N SER C 36 -12.15 7.68 -26.26
CA SER C 36 -10.89 7.61 -25.55
C SER C 36 -10.86 8.66 -24.43
N LYS C 37 -9.84 8.56 -23.57
CA LYS C 37 -9.71 9.52 -22.49
C LYS C 37 -9.48 10.93 -23.03
N SER C 38 -8.72 11.05 -24.12
CA SER C 38 -8.52 12.36 -24.72
C SER C 38 -9.84 12.95 -25.22
N GLU C 39 -10.66 12.13 -25.86
CA GLU C 39 -11.97 12.60 -26.30
C GLU C 39 -12.86 12.97 -25.12
N VAL C 40 -12.72 12.26 -23.99
CA VAL C 40 -13.45 12.65 -22.79
C VAL C 40 -12.96 14.00 -22.28
N VAL C 41 -11.66 14.27 -22.42
CA VAL C 41 -11.12 15.55 -21.99
C VAL C 41 -11.66 16.68 -22.87
N ARG C 42 -11.63 16.47 -24.19
CA ARG C 42 -12.16 17.48 -25.10
C ARG C 42 -13.65 17.72 -24.86
N LEU C 43 -14.41 16.63 -24.72
CA LEU C 43 -15.85 16.76 -24.45
C LEU C 43 -16.10 17.48 -23.14
N ALA C 44 -15.27 17.25 -22.13
CA ALA C 44 -15.41 17.95 -20.86
C ALA C 44 -15.11 19.43 -21.03
N ILE C 45 -14.08 19.76 -21.81
CA ILE C 45 -13.75 21.17 -22.06
C ILE C 45 -14.92 21.87 -22.72
N GLU C 46 -15.43 21.30 -23.81
CA GLU C 46 -16.54 21.94 -24.53
C GLU C 46 -17.79 22.00 -23.66
N LYS C 47 -18.03 20.97 -22.84
CA LYS C 47 -19.21 20.95 -21.99
C LYS C 47 -19.16 22.05 -20.93
N ILE C 48 -18.03 22.15 -20.21
CA ILE C 48 -17.94 23.18 -19.17
C ILE C 48 -17.90 24.57 -19.79
N ALA C 49 -17.30 24.70 -20.98
CA ALA C 49 -17.33 25.98 -21.68
C ALA C 49 -18.75 26.37 -22.05
N ARG C 50 -19.55 25.41 -22.52
CA ARG C 50 -20.95 25.69 -22.82
C ARG C 50 -21.72 26.07 -21.56
N GLU C 51 -21.43 25.40 -20.44
CA GLU C 51 -22.08 25.74 -19.18
C GLU C 51 -21.74 27.17 -18.77
N LEU C 52 -20.50 27.59 -19.03
CA LEU C 52 -20.14 28.98 -18.76
C LEU C 52 -20.78 29.92 -19.77
N GLU C 53 -21.08 29.42 -20.97
CA GLU C 53 -21.77 30.23 -21.97
C GLU C 53 -23.20 30.53 -21.54
N GLU C 54 -23.93 29.52 -21.08
CA GLU C 54 -25.29 29.74 -20.61
C GLU C 54 -25.35 30.30 -19.20
N GLY C 55 -24.40 29.95 -18.34
CA GLY C 55 -24.42 30.49 -16.99
C GLY C 55 -25.42 29.84 -16.06
N LYS C 56 -25.72 28.55 -16.27
CA LYS C 56 -26.73 27.85 -15.49
C LYS C 56 -26.16 27.18 -14.25
N ALA C 57 -25.05 26.46 -14.39
CA ALA C 57 -24.52 25.65 -13.29
C ALA C 57 -23.42 26.44 -12.56
N LYS C 58 -23.87 27.48 -11.87
CA LYS C 58 -22.98 28.35 -11.11
C LYS C 58 -22.72 27.85 -9.70
N GLU C 59 -23.65 27.10 -9.12
CA GLU C 59 -23.47 26.62 -7.75
C GLU C 59 -22.64 25.34 -7.71
N GLU C 60 -22.97 24.37 -8.57
CA GLU C 60 -22.24 23.11 -8.57
C GLU C 60 -20.78 23.31 -8.92
N LEU C 61 -20.50 24.18 -9.90
CA LEU C 61 -19.11 24.47 -10.25
C LEU C 61 -18.38 25.18 -9.10
N GLU C 62 -19.09 26.00 -8.33
CA GLU C 62 -18.46 26.67 -7.19
C GLU C 62 -18.12 25.68 -6.09
N ALA C 63 -19.05 24.77 -5.78
CA ALA C 63 -18.79 23.78 -4.75
C ALA C 63 -17.68 22.81 -5.17
N LEU C 64 -17.81 22.23 -6.37
CA LEU C 64 -16.78 21.32 -6.86
C LEU C 64 -15.43 22.01 -6.99
N LEU C 65 -15.43 23.30 -7.33
CA LEU C 65 -14.17 24.04 -7.41
C LEU C 65 -13.56 24.25 -6.02
N LYS C 66 -14.39 24.60 -5.03
CA LYS C 66 -13.90 24.72 -3.66
C LYS C 66 -13.27 23.41 -3.20
N HIS C 67 -13.97 22.30 -3.42
CA HIS C 67 -13.41 21.00 -3.05
C HIS C 67 -12.16 20.67 -3.85
N LEU C 68 -12.08 21.19 -5.08
CA LEU C 68 -10.90 20.95 -5.90
C LEU C 68 -9.68 21.70 -5.37
N LYS C 69 -9.88 22.92 -4.86
CA LYS C 69 -8.77 23.66 -4.27
C LYS C 69 -8.18 22.97 -3.06
N ALA C 70 -8.93 22.08 -2.40
CA ALA C 70 -8.39 21.25 -1.34
C ALA C 70 -7.46 20.19 -1.90
N GLU C 71 -6.57 20.57 -2.80
CA GLU C 71 -5.63 19.64 -3.43
C GLU C 71 -4.24 19.70 -2.79
LA LA D . -0.62 -10.11 24.71
LA LA E . 16.95 -19.68 -6.68
LA LA F . 13.07 -18.35 -6.24
LA LA G . -10.26 15.49 0.64
LA LA H . -3.97 10.97 -4.32
#